data_2OGM
#
_entry.id   2OGM
#
_cell.length_a   170.396
_cell.length_b   405.835
_cell.length_c   703.800
_cell.angle_alpha   90.00
_cell.angle_beta   90.00
_cell.angle_gamma   90.00
#
_symmetry.space_group_name_H-M   'I 2 2 2'
#
loop_
_entity.id
_entity.type
_entity.pdbx_description
1 polymer '23S ribosomal RNA'
2 polymer '50S ribosomal protein L3'
3 non-polymer '(2S,3AR,4R,5S,6S,8R,9R,9AR,10R)-2,5-DIHYDROXY-4,6,9,10-TETRAMETHYL-1-OXO-6-VINYLDECAHYDRO-3A,9-PROP[1]ENOCYCLOPENTA[8]ANNULEN-8-YL [(6-AMINOPYRIDAZIN-3-YL)CARBONYL]CARBAMATE'
#
loop_
_entity_poly.entity_id
_entity_poly.type
_entity_poly.pdbx_seq_one_letter_code
_entity_poly.pdbx_strand_id
1 'polyribonucleotide'
;GGUCAAGAUAGUAAGGGUCCACGGUGGAUGCCCUGGCGCUGGAGCCGAUGAAGGACGCGAUUACCUGCGAAAAGCCCCGA
CGAGCUGGAGAUACGCUUUGACUCGGGGAUGUCCGAAUGGGGAAACCCACCUCGUAAGAGGUAUCCGCAAGGAUGGGAAC
UCAGGGAACUGAAACAUCUCAGUACCUGAAGGAGAAGAAAGAGAAUUCGAUUCCGUUAGUAGCGGCGAGCGAACCCGGAU
CAGCCCAAACCGAAACGCUUGCGUUUCGGGGUUGUAGGACCAGUUUUUAAGAUUCAACCCCUCAAGCCGAAGUGGCUGGA
AAGCUACACCUCAGAAGGUGAGAGUCCUGUAGGCGAACGAGCGGUUGACUGUACUGGCACCUGAGUAGGUCGUUGUUCGU
GAAACGAUGACUGAAUCCGCGCGGACCACCGCGCAAGGCUAAAUACUCCCAGUGACCGAUAGCGCAUAGUACCGUGAGGG
AAAGGUGAAAAGAACCCCGGGAGGGGAGUGAAAGAGAACCUGAAACCGUGGACUUACAAGCAGUCAUGGCACCUUAUGCG
UGUUAUGGCGUGCCUAUUGAAGCAUGAGCCGGCGACUUAGACCUGACGUGCGAGCUUAAGUUGAAAAACGGAGGCGGAGC
GAAAGCGAGUCCGAAUAGGGCGGCAUUAGUACGUCGGGCUAGACUCGAAACCAGGUGAGCUAAGCAUGACCAGGUUGAAA
CCCCCGUGACAGGGGGCGGAGGACCGAACCGGUGCCUGCUGAAACAGUCUCGGAUGAGUUGUGUUUAGGAGUGAAAAGCU
AACCGAACCUGGAGAUAGCUAGUUCUCCCCGAAAUGUAUUGAGGUACAGCCUCGGAUGUUGACCAUGUCCUGUAGAGCAC
UCACAAGGCUAGGGGGCCUACCAGCUUACCAAACCUUAUGAAACUCCGAAGGGGCACGCGUUUAGUCCGGGAGUGAGGCU
GCGAGAGCUAACUUCCGUAGCCGAGAGGGAAACAACCCAGACCAUCAGCUAAGGUCCCUAAAUGAUCGCUCAGUGGUUAA
GGAUGUGUCGUCGCAUAGACAGCCAGGAGGUUGGCUUAGAAGCAGCCACCCUUCAAAGAGUGCGUAAUAGCUCACUGGUC
GAGUGACGAUGCGCCGAAAAUGAUCGGGGCUCAAGUGAUCUACCGAAGCUAUGGAUUCAACUCGCGAAGCGAGUUGUCUG
GUAGGGGAGCGUUCAGUCCGCGGAGAAGCCAUACCGGAAGGAGUGGUGGAGCCGACUGAAGUGCGGAUGCCGGCAUGAGU
AACGAUAAAAGAAGUGAGAAUCUUCUUCGCCGUAAGGACAAGGGUUCCUGGGGAAGGGUCGUCCGCCCAGGGAAAGUCGG
GACCUAAGGUGAGGCCGAACGGCGCAGCCGAUGGACAGCAGGUCAAGAUUCCUGCACCGAUCAUGUGGAGUGAUGGAGGG
ACGCAUUACGCUAUCCAAUGCCAAGCUAUGGCUAUGCUGGUUGGUACGCUCAAGGGCGAUCGGGUCAGAAAAUCUACCGG
UCACAUGCCUCAGACGUAUCGGGAGCUUCCUCGGAAGCGAAGUUGGAAACGCGACGGUGCCAAGAAAAGCUUCUAAACGU
UGAAACAUGAUUGCCCGUACCGCAAACCGACACAGGUGUCCGAGUGUCAAUGCACUAAGGCGCGCGAGAGAACCCUCGUU
AAGGAACUUUGCAAUCUCACCCCGUAACUUCGGAAGAAGGGGUCCCCACGCUUCGCGUGGGGCGCAGUGAAUAGGCCCAG
GCGACUGUUUACCAAAAUCACAGCACUCUGCCAACACGAACAGUGGACGUAUAGGGUGUGACGCCUGCCCGGUGCCGGAA
GGUCAAGUGGAGCGGUGCAAGCUGCGAAAUGAAGCCCCGGUGAACGGCGGCCGUAACUAUAACGGUCCUAAGGUAGCGAA
AUUCCUUGUCGGGUAAGUUCCGACCUGCACGAAAGGCGUAACGAUCUGGGCGCUGUCUCAACGAGGGACUCGGUGAAAUU
GAAUUGGCUGUAAAGAUGCGGCCUACCCGUAGCAGGACGAAAAGACCCCGUGGAGCUUUACUAUAGUCUGGCAUUGGGAU
UCGGGUUUCUCUGCGUAGGAUAGGUGGGAGCCUGCGAAACUGGCCUUUUGGGGUCGGUGGAGGCAACGGUGAAAUACCAC
CCUGAGAAACUUGGAUUUCUAACCUGAAAAAUCACUUUCGGGGACCGUGCUUGGCGGGUAGUUUGACUGGGGCGGUCGCC
UCCCAAAAUGUAACGGAGGCGCCCAAAGGUCACCUCAAGACGGUUGGAAAUCGUCUGUAGAGCGCAAAGGUAGAAGGUGG
CUUGACUGCGAGACUGACACGUCGAGCAGGGAGGAAACUCGGGCUUAGUGAACCGGUGGUACCGUGUGGAAGGGCCAUCG
AUCAACGGAUAAAAGUUACCCCGGGGAUAACAGGCUGAUCUCCCCCGAGAGUCCAUAUCGGCGGGGAGGUUUGGCACCUC
GAUGUCGGCUCGUCGCAUCCUGGGGCUGAAGAAGGUCCCAAGGGUUGGGCUGUUCGCCCAUUAAAGCGGCACGCGAGCUG
GGUUCAGAACGUCGUGAGACAGUUCGGUCUCUAUCCGCUACGGGCGCAGGAGAAUUGAGGGGAGUUGCUCCUAGUACGAG
AGGACCGGAGUGAACGGACCGCUGGUCUCCCUGCUGUCGUACCAACGGCACAUGCAGGGUAGCUAUGUCCGGAACGGAUA
ACCGCUGAAAGCAUCUAAGCGGGAAGCCAGCCCCAAGAUGAGUUCUCCCACUGUUUAUCAGGUAAGACUCCCGGAAGACC
ACCGGGUUAAGAGGCCAGGCGUGCACGCAUAGCAAUGUGUUCAGCGGACUGGUGCUCAUCAGUCGAGGUCUUGACCACUC
;
0
2 'polypeptide(L)'
;MKGILGTKIGMTQIWKNDRAIPVTVVLAGPCPIVQRKTAQTDGYEAVQIGYAPKAERKVNKPMQGHFAKAGVAPTRILRE
FRGFAPDGDSVNVDIFAEGEKIDATGTSKGKGTQGVMKRWNFAGGPASHGSKKWHRRPGSIGQRKTPGRVYKGKRMAGHM
GMERVTVQNLEVVEIRAGENLILVKGAIPGANGGLVVLRSAAKASAAKGGK
;
B
#
loop_
_chem_comp.id
_chem_comp.type
_chem_comp.name
_chem_comp.formula
A RNA linking ADENOSINE-5'-MONOPHOSPHATE 'C10 H14 N5 O7 P'
C RNA linking CYTIDINE-5'-MONOPHOSPHATE 'C9 H14 N3 O8 P'
G RNA linking GUANOSINE-5'-MONOPHOSPHATE 'C10 H14 N5 O8 P'
G19 non-polymer '(2S,3AR,4R,5S,6S,8R,9R,9AR,10R)-2,5-DIHYDROXY-4,6,9,10-TETRAMETHYL-1-OXO-6-VINYLDECAHYDRO-3A,9-PROP[1]ENOCYCLOPENTA[8]ANNULEN-8-YL [(6-AMINOPYRIDAZIN-3-YL)CARBONYL]CARBAMATE' 'C26 H34 N4 O6'
U RNA linking URIDINE-5'-MONOPHOSPHATE 'C9 H13 N2 O9 P'
#
# COMPACT_ATOMS: atom_id res chain seq x y z
CA MET B 1 -4.11 -4.44 -13.67
CA LYS B 2 -4.12 -0.94 -12.13
CA GLY B 3 -2.14 2.26 -11.44
CA ILE B 4 0.12 3.79 -8.75
CA LEU B 5 -1.34 6.89 -7.08
CA GLY B 6 -0.42 8.91 -3.95
CA THR B 7 -3.00 9.54 -1.17
CA LYS B 8 -4.24 12.89 0.08
CA ILE B 9 -6.75 12.03 2.80
CA GLY B 10 -10.48 11.77 3.13
CA MET B 11 -13.16 14.07 4.52
CA THR B 12 -16.74 12.93 3.93
CA GLN B 13 -19.20 12.92 1.07
CA ILE B 14 -22.75 11.61 0.72
CA TRP B 15 -23.97 9.41 -2.11
CA LYS B 16 -27.56 8.30 -2.70
CA ASN B 17 -28.15 10.24 0.52
CA ASP B 18 -26.31 7.70 2.66
CA ARG B 19 -23.34 9.19 4.56
CA ALA B 20 -20.27 7.49 3.02
CA ILE B 21 -16.72 7.73 4.37
CA PRO B 22 -14.13 8.01 1.52
CA VAL B 23 -10.36 8.16 1.23
CA THR B 24 -9.19 10.48 -1.54
CA VAL B 25 -6.07 9.62 -3.53
CA VAL B 26 -4.34 11.11 -6.63
CA LEU B 27 -2.39 9.27 -9.41
CA ALA B 28 -1.39 11.86 -12.04
CA GLY B 29 -0.36 10.78 -15.50
CA PRO B 30 1.84 7.71 -14.74
CA CYS B 31 4.48 7.24 -17.41
CA PRO B 32 5.40 3.77 -18.78
CA ILE B 33 9.17 3.38 -18.42
CA VAL B 34 9.80 -0.12 -19.74
CA GLN B 35 7.77 -2.98 -21.20
CA ARG B 36 8.22 -6.67 -20.30
CA LYS B 37 8.45 -9.26 -23.07
CA THR B 38 8.04 -12.75 -21.61
CA ALA B 39 10.35 -13.63 -24.47
CA GLN B 40 13.06 -11.17 -23.45
CA THR B 41 12.62 -10.81 -19.68
CA ASP B 42 10.17 -13.70 -19.10
CA GLY B 43 7.12 -13.33 -16.92
CA TYR B 44 4.98 -10.47 -18.22
CA GLU B 45 5.06 -7.31 -16.11
CA ALA B 46 4.72 -3.48 -16.55
CA VAL B 47 6.73 -0.45 -15.34
CA GLN B 48 5.13 2.92 -14.67
CA ILE B 49 6.28 6.05 -12.84
CA GLY B 50 4.36 7.72 -10.05
CA TYR B 51 5.86 11.00 -8.77
CA ALA B 52 8.08 13.86 -10.11
CA PRO B 53 11.73 15.14 -9.54
CA LYS B 54 14.13 17.50 -11.33
CA ALA B 55 16.98 16.30 -13.55
CA GLU B 56 19.29 18.29 -11.26
CA ARG B 57 18.74 15.22 -9.09
CA LYS B 58 18.83 12.18 -11.37
CA VAL B 59 21.72 9.72 -11.61
CA ASN B 60 23.16 9.22 -15.12
CA LYS B 61 21.53 5.76 -14.93
CA PRO B 62 17.74 6.09 -14.97
CA MET B 63 18.65 9.55 -16.28
CA GLN B 64 19.23 7.86 -19.62
CA GLY B 65 17.83 4.63 -18.23
CA HIS B 66 14.63 6.36 -19.28
CA PHE B 67 15.51 7.86 -22.70
CA ALA B 68 14.86 4.61 -24.57
CA LYS B 69 11.08 5.00 -24.37
CA ALA B 70 10.56 7.63 -21.70
CA GLY B 71 10.21 11.17 -20.42
CA VAL B 72 10.48 13.35 -17.30
CA ALA B 73 12.55 11.08 -15.11
CA PRO B 74 10.28 10.39 -12.07
CA THR B 75 11.09 9.35 -8.51
CA ARG B 76 8.84 6.37 -7.77
CA ILE B 77 8.81 3.35 -10.15
CA LEU B 78 6.99 0.01 -9.82
CA ARG B 79 5.69 -3.01 -11.71
CA GLU B 80 2.06 -4.01 -12.10
CA PHE B 81 1.69 -7.70 -13.06
CA ARG B 82 0.02 -9.18 -16.14
CA GLY B 83 -0.20 -5.74 -17.74
CA PHE B 84 -1.15 -4.69 -21.27
CA ALA B 85 -1.21 -0.92 -20.86
CA PRO B 86 -1.53 0.44 -24.46
CA ASP B 87 -0.81 4.15 -25.09
CA GLY B 88 1.80 5.99 -23.05
CA ASP B 89 -0.07 6.99 -19.89
CA SER B 90 -1.97 5.23 -17.11
CA VAL B 91 -4.60 7.76 -16.02
CA ASN B 92 -7.96 6.76 -14.56
CA VAL B 93 -9.78 8.56 -17.40
CA ASP B 94 -10.53 5.11 -18.84
CA ILE B 95 -9.34 2.78 -16.07
CA PHE B 96 -11.00 2.39 -12.66
CA ALA B 97 -14.77 2.66 -13.07
CA GLU B 98 -17.36 4.11 -10.71
CA GLY B 99 -19.16 0.89 -9.82
CA GLU B 100 -15.95 -1.06 -9.20
CA LYS B 101 -14.16 -2.76 -6.34
CA ILE B 102 -10.37 -2.23 -6.20
CA ASP B 103 -7.50 -3.39 -4.01
CA ALA B 104 -5.28 -0.90 -2.22
CA THR B 105 -1.93 -1.90 -0.80
CA GLY B 106 0.52 0.50 0.79
CA THR B 107 2.55 0.46 3.99
CA SER B 108 1.83 1.22 7.61
CA LYS B 109 2.01 3.49 10.65
CA GLY B 110 5.50 3.85 12.01
CA LYS B 111 5.04 2.48 15.51
CA GLY B 112 8.52 1.77 16.79
CA THR B 113 9.52 -1.38 18.66
CA GLN B 114 6.07 -2.21 19.97
CA GLY B 115 5.16 -4.33 22.96
CA VAL B 116 3.34 -7.66 23.19
CA MET B 117 0.23 -5.66 23.90
CA LYS B 118 0.24 -5.02 20.13
CA ARG B 119 1.07 -8.61 19.36
CA TRP B 120 -1.85 -10.17 21.13
CA ASN B 121 -4.98 -8.20 22.01
CA PHE B 122 -6.15 -8.88 25.57
CA ALA B 123 -3.68 -10.39 28.04
CA GLY B 124 -1.31 -8.56 30.27
CA GLY B 125 -0.65 -9.28 33.92
CA PRO B 126 -3.25 -8.03 36.45
CA ALA B 127 -2.71 -4.65 37.96
CA SER B 128 -3.57 -4.79 41.65
CA HIS B 129 -3.06 -8.14 43.22
CA GLY B 130 0.76 -8.34 42.74
CA SER B 131 2.44 -5.53 40.74
CA LYS B 132 5.81 -7.02 39.79
CA LYS B 133 5.14 -7.12 36.03
CA TRP B 134 1.76 -5.30 35.82
CA HIS B 135 -0.17 -6.09 32.66
CA ARG B 136 2.58 -5.21 30.14
CA ARG B 137 4.80 -8.32 29.51
CA PRO B 138 4.28 -11.93 28.33
CA GLY B 139 3.81 -14.98 30.57
CA SER B 140 5.81 -18.16 30.10
CA ILE B 141 7.87 -18.69 26.99
CA GLY B 142 7.61 -22.51 26.76
CA GLN B 143 7.57 -25.45 29.19
N ARG B 144 8.88 -27.00 30.51
CA ARG B 144 10.09 -27.53 31.11
C ARG B 144 10.98 -28.17 30.06
CA LYS B 145 12.78 -29.82 29.97
CA THR B 146 12.01 -31.65 26.74
CA PRO B 147 11.93 -28.89 24.21
CA GLY B 148 14.67 -26.82 25.78
CA ARG B 149 13.79 -24.63 22.77
CA VAL B 150 11.05 -22.03 22.15
CA TYR B 151 9.09 -22.38 18.88
CA LYS B 152 9.16 -20.13 15.82
CA GLY B 153 7.47 -16.74 15.97
CA LYS B 154 6.90 -17.08 19.73
CA ARG B 155 5.09 -13.71 19.77
CA MET B 156 7.26 -10.98 21.36
CA ALA B 157 8.03 -7.25 21.14
CA GLY B 158 9.75 -5.89 18.03
CA HIS B 159 9.58 -2.99 15.57
CA MET B 160 6.06 -3.88 14.53
CA GLY B 161 4.25 -1.30 12.46
CA MET B 162 5.83 -0.23 9.11
CA GLU B 163 4.60 -3.53 7.63
CA ARG B 164 3.30 -3.19 4.07
CA VAL B 165 -0.38 -4.23 3.97
CA THR B 166 -3.21 -4.32 1.47
CA VAL B 167 -6.93 -4.03 2.03
CA GLN B 168 -9.20 -5.86 -0.44
CA ASN B 169 -12.36 -4.40 -2.02
CA LEU B 170 -13.68 -1.18 -0.45
CA GLU B 171 -15.70 0.55 -3.18
CA VAL B 172 -14.75 3.28 -5.63
CA VAL B 173 -17.34 5.78 -4.38
CA GLU B 174 -16.44 8.61 -6.79
CA ILE B 175 -14.02 9.51 -9.59
CA ARG B 176 -13.16 12.95 -10.97
CA ALA B 177 -10.90 12.54 -13.99
CA GLY B 178 -10.42 16.29 -13.72
CA GLU B 179 -7.79 16.83 -11.05
CA ASN B 180 -6.63 13.21 -11.29
CA LEU B 181 -8.53 12.58 -8.08
CA ILE B 182 -10.06 9.41 -6.65
CA LEU B 183 -12.44 8.67 -3.79
CA VAL B 184 -12.56 5.10 -2.50
CA LYS B 185 -14.82 3.48 0.13
CA GLY B 186 -12.25 4.88 2.54
CA ALA B 187 -9.78 3.09 4.82
CA ILE B 188 -6.51 2.82 2.86
CA PRO B 189 -3.22 2.09 4.81
CA GLY B 190 -0.37 4.56 4.97
CA ALA B 191 0.07 8.19 6.04
CA ASN B 192 -1.32 11.16 4.10
CA GLY B 193 1.29 12.04 1.52
CA GLY B 194 2.09 8.37 1.33
CA LEU B 195 2.63 5.87 -1.45
CA VAL B 196 -0.53 4.07 -2.59
CA VAL B 197 -1.36 1.54 -5.31
CA LEU B 198 -4.94 0.73 -6.29
CA ARG B 199 -5.36 -2.57 -8.20
CA SER B 200 -8.45 -4.12 -9.76
CA ALA B 201 -10.70 -6.71 -8.08
CA ALA B 202 -7.96 -9.06 -6.88
CA LYS B 203 -10.87 -11.03 -5.43
CA ALA B 204 -13.05 -12.76 -8.02
CA SER B 205 -16.08 -11.95 -5.86
O3 G19 C . 10.14 -30.80 48.46
C21 G19 C . 10.42 -30.94 49.87
O4 G19 C . 11.58 -30.82 50.21
N1 G19 C . 9.38 -31.17 50.70
C22 G19 C . 9.51 -31.28 52.01
C23 G19 C . 8.31 -31.51 52.77
O6 G19 C . 10.56 -31.19 52.67
N2 G19 C . 7.21 -31.91 52.04
N3 G19 C . 6.03 -32.17 52.63
C24 G19 C . 8.19 -31.37 54.19
C25 G19 C . 6.93 -31.65 54.79
C26 G19 C . 5.84 -32.06 54.00
N4 G19 C . 4.61 -32.34 54.54
O1 G19 C . 10.42 -31.75 42.96
O2 G19 C . 15.11 -28.40 46.18
C1 G19 C . 13.84 -31.47 43.75
C2 G19 C . 12.77 -31.35 42.72
C3 G19 C . 11.47 -31.38 43.45
C4 G19 C . 11.75 -30.89 44.91
C5 G19 C . 10.63 -31.10 46.01
C6 G19 C . 10.38 -32.70 46.03
C7 G19 C . 11.69 -33.43 46.47
C8 G19 C . 12.97 -33.06 45.62
C9 G19 C . 13.18 -31.57 45.17
C10 G19 C . 14.02 -30.74 46.25
C11 G19 C . 13.86 -29.12 46.23
C12 G19 C . 13.00 -28.50 47.48
C13 G19 C . 11.51 -29.03 47.50
C14 G19 C . 11.15 -30.55 47.45
C15 G19 C . 9.33 -30.36 45.57
C16 G19 C . 9.31 -33.21 47.00
C17 G19 C . 15.53 -31.11 46.20
C18 G19 C . 12.87 -26.98 47.43
C19 G19 C . 13.70 -28.86 48.81
C20 G19 C . 14.16 -28.14 49.81
O5 G19 C . 12.93 -30.14 42.06
#